data_7HCF
#
_entry.id   7HCF
#
_cell.length_a   88.794
_cell.length_b   88.794
_cell.length_c   39.548
_cell.angle_alpha   90.000
_cell.angle_beta   90.000
_cell.angle_gamma   90.000
#
_symmetry.space_group_name_H-M   'P 43'
#
loop_
_entity.id
_entity.type
_entity.pdbx_description
1 polymer 'Non-structural protein 3'
2 non-polymer (2S)-3-phenyl-2-[(7H-pyrrolo[2,3-d]pyrimidin-4-yl)amino]propan-1-ol
3 non-polymer (2R)-3-phenyl-2-[(7H-pyrrolo[2,3-d]pyrimidin-4-yl)amino]propan-1-ol
4 non-polymer 'CHLORIDE ION'
5 water water
#
_entity_poly.entity_id   1
_entity_poly.type   'polypeptide(L)'
_entity_poly.pdbx_seq_one_letter_code
;SMVNSFSGYLKLTDNVYIKNADIVEEAKKVKPTVVVNAANVYLKHGGGVAGALNKATNNAMQVESDDYIATNGPLKVGGS
CVLSGHNLAKHCLHVVGPNVNKGEDIQLLKSAYENFNQHEVLLAPLLSAGIFGADPIHSLRVCVDTVRTNVYLAVFDKNL
YDKLVSSFL
;
_entity_poly.pdbx_strand_id   A,B
#
loop_
_chem_comp.id
_chem_comp.type
_chem_comp.name
_chem_comp.formula
A1A49 non-polymer (2S)-3-phenyl-2-[(7H-pyrrolo[2,3-d]pyrimidin-4-yl)amino]propan-1-ol 'C15 H16 N4 O'
A1A5A non-polymer (2R)-3-phenyl-2-[(7H-pyrrolo[2,3-d]pyrimidin-4-yl)amino]propan-1-ol 'C15 H16 N4 O'
CL non-polymer 'CHLORIDE ION' 'Cl -1'
#
# COMPACT_ATOMS: atom_id res chain seq x y z
N VAL A 3 -11.58 -14.65 -15.55
N VAL A 3 -11.60 -14.68 -15.65
CA VAL A 3 -11.15 -14.18 -16.86
CA VAL A 3 -11.21 -14.18 -16.96
C VAL A 3 -11.30 -12.67 -16.96
C VAL A 3 -11.33 -12.66 -17.01
N ASN A 4 -10.28 -12.00 -17.48
CA ASN A 4 -10.28 -10.56 -17.68
C ASN A 4 -9.81 -10.25 -19.10
N SER A 5 -9.82 -8.96 -19.45
CA SER A 5 -9.62 -8.52 -20.83
C SER A 5 -8.19 -8.12 -21.15
N PHE A 6 -7.26 -8.36 -20.22
N PHE A 6 -7.24 -8.37 -20.26
CA PHE A 6 -5.85 -8.10 -20.47
CA PHE A 6 -5.85 -8.04 -20.56
C PHE A 6 -5.30 -9.16 -21.42
C PHE A 6 -5.32 -8.98 -21.65
N SER A 7 -4.56 -8.71 -22.44
N SER A 7 -4.60 -8.40 -22.63
CA SER A 7 -4.11 -9.58 -23.53
CA SER A 7 -4.28 -9.09 -23.87
C SER A 7 -2.63 -9.35 -23.81
C SER A 7 -2.76 -9.16 -24.06
N GLY A 8 -1.92 -10.42 -24.17
N GLY A 8 -2.26 -10.35 -24.37
CA GLY A 8 -0.54 -10.31 -24.62
CA GLY A 8 -0.87 -10.51 -24.74
C GLY A 8 0.50 -10.24 -23.52
C GLY A 8 0.13 -10.39 -23.63
N TYR A 9 0.15 -10.58 -22.28
N TYR A 9 -0.29 -10.55 -22.37
CA TYR A 9 1.09 -10.55 -21.16
CA TYR A 9 0.64 -10.46 -21.26
C TYR A 9 1.82 -11.88 -21.02
C TYR A 9 1.37 -11.79 -21.06
N LEU A 10 3.06 -11.79 -20.55
N LEU A 10 2.67 -11.68 -20.77
CA LEU A 10 3.81 -12.94 -20.07
CA LEU A 10 3.47 -12.82 -20.37
C LEU A 10 3.47 -13.15 -18.60
C LEU A 10 3.27 -13.08 -18.88
N LYS A 11 3.33 -14.40 -18.20
N LYS A 11 2.92 -14.31 -18.53
CA LYS A 11 2.98 -14.76 -16.82
CA LYS A 11 2.72 -14.67 -17.13
C LYS A 11 4.28 -15.00 -16.06
C LYS A 11 4.07 -14.87 -16.43
N LEU A 12 4.61 -14.11 -15.13
N LEU A 12 4.26 -14.21 -15.29
CA LEU A 12 5.80 -14.34 -14.32
CA LEU A 12 5.51 -14.32 -14.53
C LEU A 12 5.51 -15.24 -13.13
C LEU A 12 5.40 -15.25 -13.31
N THR A 13 4.34 -15.09 -12.52
CA THR A 13 4.03 -15.88 -11.34
C THR A 13 2.53 -16.15 -11.33
N ASP A 14 2.06 -16.73 -10.23
N ASP A 14 2.06 -16.75 -10.25
CA ASP A 14 0.63 -16.99 -10.08
CA ASP A 14 0.62 -16.98 -10.09
C ASP A 14 -0.21 -15.73 -10.26
C ASP A 14 -0.18 -15.72 -10.36
N ASN A 15 0.32 -14.56 -9.90
CA ASN A 15 -0.49 -13.34 -9.88
C ASN A 15 0.13 -12.15 -10.60
N VAL A 16 1.37 -12.24 -11.06
N VAL A 16 1.27 -12.26 -11.26
CA VAL A 16 2.11 -11.13 -11.66
CA VAL A 16 1.89 -11.14 -11.93
C VAL A 16 2.35 -11.44 -13.13
C VAL A 16 2.06 -11.44 -13.42
N TYR A 17 1.94 -10.51 -13.99
N TYR A 17 1.73 -10.43 -14.25
CA TYR A 17 2.05 -10.56 -15.44
CA TYR A 17 1.72 -10.53 -15.70
C TYR A 17 2.79 -9.32 -15.93
C TYR A 17 2.40 -9.27 -16.24
N ILE A 18 3.41 -9.40 -17.11
N ILE A 18 3.07 -9.39 -17.40
CA ILE A 18 4.23 -8.30 -17.62
CA ILE A 18 3.89 -8.28 -17.90
C ILE A 18 4.14 -8.23 -19.15
C ILE A 18 3.79 -8.15 -19.41
N LYS A 19 4.20 -7.01 -19.69
N LYS A 19 3.90 -6.90 -19.88
CA LYS A 19 4.00 -6.78 -21.12
CA LYS A 19 3.83 -6.59 -21.30
C LYS A 19 4.68 -5.47 -21.51
C LYS A 19 4.73 -5.40 -21.60
N ASN A 20 5.33 -5.47 -22.69
N ASN A 20 5.27 -5.36 -22.83
CA ASN A 20 5.87 -4.23 -23.26
CA ASN A 20 5.99 -4.20 -23.32
C ASN A 20 4.70 -3.43 -23.83
C ASN A 20 4.95 -3.26 -23.92
N ALA A 21 4.36 -2.33 -23.17
N ALA A 21 4.50 -2.29 -23.14
CA ALA A 21 3.20 -1.55 -23.59
CA ALA A 21 3.46 -1.38 -23.59
C ALA A 21 3.26 -0.17 -22.97
C ALA A 21 3.48 -0.12 -22.75
N ASP A 22 2.63 0.79 -23.65
N ASP A 22 2.95 0.95 -23.33
CA ASP A 22 2.41 2.12 -23.11
CA ASP A 22 2.69 2.21 -22.63
C ASP A 22 1.18 2.07 -22.21
C ASP A 22 1.44 2.02 -21.77
N ILE A 23 1.38 2.32 -20.91
N ILE A 23 1.56 2.28 -20.46
CA ILE A 23 0.30 2.21 -19.94
CA ILE A 23 0.42 2.10 -19.57
C ILE A 23 -0.87 3.11 -20.31
C ILE A 23 -0.77 2.94 -20.02
N VAL A 24 -0.60 4.24 -20.95
N VAL A 24 -0.51 4.10 -20.64
CA VAL A 24 -1.68 5.12 -21.40
CA VAL A 24 -1.59 4.95 -21.11
C VAL A 24 -2.55 4.39 -22.42
C VAL A 24 -2.38 4.27 -22.21
N GLU A 25 -1.92 3.82 -23.44
N GLU A 25 -1.67 3.63 -23.15
CA GLU A 25 -2.67 3.11 -24.48
CA GLU A 25 -2.34 2.92 -24.23
C GLU A 25 -3.31 1.84 -23.95
C GLU A 25 -3.06 1.67 -23.71
N GLU A 26 -2.65 1.16 -23.00
N GLU A 26 -2.44 0.95 -22.77
CA GLU A 26 -3.25 -0.02 -22.39
CA GLU A 26 -3.13 -0.18 -22.15
C GLU A 26 -4.53 0.35 -21.64
C GLU A 26 -4.39 0.27 -21.43
N ALA A 27 -4.46 1.37 -20.78
N ALA A 27 -4.34 1.44 -20.79
CA ALA A 27 -5.63 1.74 -20.00
CA ALA A 27 -5.52 1.95 -20.10
C ALA A 27 -6.80 2.15 -20.89
C ALA A 27 -6.62 2.31 -21.10
N LYS A 28 -6.53 2.92 -21.94
N LYS A 28 -6.25 3.01 -22.18
CA LYS A 28 -7.58 3.32 -22.86
CA LYS A 28 -7.24 3.44 -23.16
C LYS A 28 -8.24 2.10 -23.50
C LYS A 28 -7.97 2.25 -23.78
N LYS A 29 -7.43 1.10 -23.87
N LYS A 29 -7.33 1.08 -23.85
CA LYS A 29 -7.98 -0.10 -24.51
CA LYS A 29 -7.91 -0.09 -24.49
C LYS A 29 -8.76 -0.94 -23.50
C LYS A 29 -8.72 -0.95 -23.52
N VAL A 30 -8.15 -1.21 -22.34
CA VAL A 30 -8.78 -2.12 -21.39
C VAL A 30 -9.84 -1.44 -20.54
N LYS A 31 -9.68 -0.15 -20.22
CA LYS A 31 -10.50 0.53 -19.23
C LYS A 31 -10.57 -0.28 -17.94
N PRO A 32 -9.44 -0.55 -17.31
CA PRO A 32 -9.43 -1.41 -16.13
C PRO A 32 -10.14 -0.74 -14.97
N THR A 33 -10.49 -1.56 -13.98
CA THR A 33 -11.06 -1.03 -12.75
C THR A 33 -10.08 -0.08 -12.06
N VAL A 34 -8.80 -0.44 -12.05
CA VAL A 34 -7.77 0.36 -11.39
C VAL A 34 -6.55 0.48 -12.30
N VAL A 35 -6.14 1.71 -12.58
CA VAL A 35 -4.82 2.00 -13.13
C VAL A 35 -4.00 2.66 -12.03
N VAL A 36 -2.75 2.22 -11.89
CA VAL A 36 -1.83 2.79 -10.92
C VAL A 36 -1.02 3.92 -11.56
N ASN A 37 -0.98 5.06 -10.88
CA ASN A 37 -0.08 6.15 -11.25
C ASN A 37 1.15 6.13 -10.38
N ALA A 38 2.29 6.39 -11.02
N ALA A 38 2.31 6.36 -11.01
CA ALA A 38 3.58 6.63 -10.38
CA ALA A 38 3.58 6.52 -10.30
C ALA A 38 3.59 8.09 -9.89
C ALA A 38 3.69 7.98 -9.86
N ALA A 39 2.95 8.30 -8.74
N ALA A 39 3.10 8.28 -8.72
CA ALA A 39 2.69 9.62 -8.20
CA ALA A 39 2.92 9.65 -8.27
C ALA A 39 3.85 10.11 -7.32
C ALA A 39 4.07 10.11 -7.38
N ASN A 40 3.85 11.42 -7.06
N ASN A 40 4.15 11.42 -7.16
CA ASN A 40 4.63 12.03 -5.99
CA ASN A 40 4.97 11.99 -6.09
C ASN A 40 3.68 12.54 -4.91
C ASN A 40 4.05 12.51 -4.98
N VAL A 41 4.25 12.94 -3.77
N VAL A 41 4.67 12.92 -3.87
CA VAL A 41 3.44 13.27 -2.60
CA VAL A 41 3.88 13.24 -2.67
C VAL A 41 2.53 14.46 -2.85
C VAL A 41 2.96 14.44 -2.87
N TYR A 42 2.90 15.34 -3.78
N TYR A 42 3.27 15.31 -3.84
CA TYR A 42 2.14 16.54 -4.11
CA TYR A 42 2.45 16.49 -4.09
C TYR A 42 1.12 16.29 -5.23
C TYR A 42 1.42 16.28 -5.19
N LEU A 43 1.10 15.08 -5.78
N LEU A 43 1.35 15.07 -5.74
CA LEU A 43 0.27 14.76 -6.95
CA LEU A 43 0.49 14.77 -6.89
C LEU A 43 0.48 15.76 -8.09
C LEU A 43 0.67 15.83 -8.00
N LYS A 44 1.73 16.21 -8.25
N LYS A 44 1.92 16.16 -8.28
CA LYS A 44 2.12 17.06 -9.37
CA LYS A 44 2.27 17.03 -9.41
C LYS A 44 2.56 16.15 -10.51
C LYS A 44 2.68 16.14 -10.57
N HIS A 45 1.71 16.04 -11.52
N HIS A 45 1.76 15.98 -11.54
CA HIS A 45 1.88 15.01 -12.53
CA HIS A 45 1.92 14.98 -12.60
C HIS A 45 2.59 15.59 -13.77
C HIS A 45 2.65 15.64 -13.77
N GLY A 46 3.86 15.94 -13.56
N GLY A 46 3.97 15.68 -13.68
CA GLY A 46 4.59 16.72 -14.54
CA GLY A 46 4.74 16.43 -14.66
C GLY A 46 5.32 15.93 -15.61
C GLY A 46 5.25 15.62 -15.83
N GLY A 47 5.73 14.71 -15.30
N GLY A 47 5.73 14.42 -15.55
CA GLY A 47 6.55 13.92 -16.20
CA GLY A 47 6.38 13.61 -16.57
C GLY A 47 6.48 12.45 -15.85
C GLY A 47 6.29 12.14 -16.23
N GLY A 48 7.21 11.64 -16.63
N GLY A 48 6.96 11.34 -17.06
CA GLY A 48 7.17 10.21 -16.41
CA GLY A 48 6.90 9.91 -16.89
C GLY A 48 5.79 9.66 -16.68
C GLY A 48 5.46 9.42 -16.95
N VAL A 49 5.48 8.54 -16.02
N VAL A 49 5.18 8.37 -16.16
CA VAL A 49 4.16 7.93 -16.17
CA VAL A 49 3.84 7.81 -16.08
C VAL A 49 3.08 8.92 -15.76
C VAL A 49 2.81 8.88 -15.76
N ALA A 50 3.29 9.64 -14.65
N ALA A 50 3.09 9.69 -14.72
CA ALA A 50 2.27 10.56 -14.16
CA ALA A 50 2.09 10.64 -14.25
C ALA A 50 1.99 11.66 -15.16
C ALA A 50 1.78 11.69 -15.30
N GLY A 51 3.02 12.25 -15.76
N GLY A 51 2.81 12.29 -15.89
CA GLY A 51 2.80 13.30 -16.73
CA GLY A 51 2.56 13.25 -16.94
C GLY A 51 2.04 12.80 -17.95
C GLY A 51 1.82 12.64 -18.11
N ALA A 52 2.33 11.57 -18.39
N ALA A 52 2.15 11.40 -18.45
CA ALA A 52 1.66 11.02 -19.56
CA ALA A 52 1.49 10.72 -19.55
C ALA A 52 0.20 10.67 -19.26
C ALA A 52 0.02 10.44 -19.25
N LEU A 53 -0.07 10.04 -18.11
N LEU A 53 -0.27 9.89 -18.06
CA LEU A 53 -1.45 9.71 -17.76
CA LEU A 53 -1.66 9.70 -17.67
C LEU A 53 -2.28 10.97 -17.63
C LEU A 53 -2.39 11.04 -17.65
N ASN A 54 -1.72 12.01 -17.02
N ASN A 54 -1.82 12.03 -16.98
CA ASN A 54 -2.48 13.23 -16.85
CA ASN A 54 -2.52 13.30 -16.84
C ASN A 54 -2.79 13.88 -18.20
C ASN A 54 -2.79 13.94 -18.20
N LYS A 55 -1.81 13.90 -19.10
CA LYS A 55 -2.02 14.45 -20.44
C LYS A 55 -3.18 13.75 -21.13
N ALA A 56 -3.27 12.43 -20.99
CA ALA A 56 -4.35 11.67 -21.61
C ALA A 56 -5.72 12.01 -21.05
N THR A 57 -5.79 12.54 -19.82
CA THR A 57 -7.04 13.01 -19.23
C THR A 57 -7.31 14.49 -19.53
N ASN A 58 -6.52 15.11 -20.39
CA ASN A 58 -6.72 16.52 -20.72
C ASN A 58 -6.58 17.41 -19.48
N ASN A 59 -5.71 17.01 -18.55
CA ASN A 59 -5.39 17.73 -17.31
C ASN A 59 -6.47 17.57 -16.24
N ALA A 60 -7.52 16.78 -16.48
CA ALA A 60 -8.53 16.58 -15.43
C ALA A 60 -7.94 15.88 -14.21
N MET A 61 -7.00 14.96 -14.42
CA MET A 61 -6.34 14.33 -13.28
C MET A 61 -5.64 15.35 -12.40
N GLN A 62 -4.95 16.32 -13.01
CA GLN A 62 -4.25 17.34 -12.22
C GLN A 62 -5.23 18.22 -11.46
N VAL A 63 -6.33 18.62 -12.10
CA VAL A 63 -7.32 19.46 -11.43
C VAL A 63 -7.88 18.76 -10.21
N GLU A 64 -8.25 17.48 -10.37
CA GLU A 64 -8.77 16.70 -9.25
C GLU A 64 -7.72 16.56 -8.16
N SER A 65 -6.47 16.32 -8.57
CA SER A 65 -5.38 16.12 -7.62
C SER A 65 -5.11 17.39 -6.82
N ASP A 66 -5.19 18.56 -7.46
CA ASP A 66 -4.93 19.80 -6.74
C ASP A 66 -5.98 20.02 -5.64
N ASP A 67 -7.23 19.68 -5.93
CA ASP A 67 -8.26 19.76 -4.90
C ASP A 67 -7.98 18.76 -3.78
N TYR A 68 -7.54 17.56 -4.13
N TYR A 68 -7.55 17.54 -4.13
CA TYR A 68 -7.23 16.57 -3.10
CA TYR A 68 -7.21 16.54 -3.10
C TYR A 68 -6.13 17.05 -2.16
C TYR A 68 -6.15 17.09 -2.15
N ILE A 69 -5.06 17.63 -2.70
CA ILE A 69 -3.97 18.14 -1.88
C ILE A 69 -4.41 19.33 -1.04
N ALA A 70 -5.20 20.23 -1.63
CA ALA A 70 -5.67 21.38 -0.86
C ALA A 70 -6.47 20.96 0.35
N THR A 71 -7.20 19.84 0.25
CA THR A 71 -8.01 19.35 1.36
C THR A 71 -7.22 18.53 2.34
N ASN A 72 -6.34 17.66 1.84
CA ASN A 72 -5.74 16.59 2.65
C ASN A 72 -4.25 16.75 2.91
N GLY A 73 -3.56 17.62 2.18
CA GLY A 73 -2.13 17.71 2.28
C GLY A 73 -1.44 16.59 1.53
N PRO A 74 -0.11 16.62 1.52
CA PRO A 74 0.65 15.65 0.72
C PRO A 74 0.49 14.22 1.21
N LEU A 75 0.69 13.30 0.28
CA LEU A 75 0.80 11.89 0.64
C LEU A 75 2.13 11.64 1.35
N LYS A 76 2.26 10.45 1.90
CA LYS A 76 3.52 9.92 2.42
C LYS A 76 4.26 9.18 1.31
N VAL A 77 5.59 9.22 1.32
CA VAL A 77 6.35 8.29 0.50
C VAL A 77 6.04 6.88 0.97
N GLY A 78 5.67 6.01 0.03
CA GLY A 78 5.15 4.69 0.35
C GLY A 78 3.64 4.62 0.43
N GLY A 79 2.97 5.77 0.40
CA GLY A 79 1.53 5.83 0.55
C GLY A 79 0.80 5.96 -0.78
N SER A 80 -0.52 6.12 -0.67
CA SER A 80 -1.38 6.15 -1.85
C SER A 80 -2.69 6.83 -1.54
N CYS A 81 -3.40 7.19 -2.61
CA CYS A 81 -4.80 7.57 -2.51
C CYS A 81 -5.52 7.09 -3.75
N VAL A 82 -6.83 6.87 -3.61
CA VAL A 82 -7.69 6.48 -4.73
C VAL A 82 -8.44 7.71 -5.21
N LEU A 83 -8.29 8.03 -6.50
CA LEU A 83 -9.01 9.11 -7.14
C LEU A 83 -9.68 8.57 -8.40
N SER A 84 -10.33 9.45 -9.15
CA SER A 84 -10.98 9.02 -10.38
C SER A 84 -9.97 8.51 -11.40
N GLY A 85 -10.40 7.54 -12.20
CA GLY A 85 -9.66 7.13 -13.37
C GLY A 85 -9.98 7.92 -14.62
N HIS A 86 -10.92 8.85 -14.54
CA HIS A 86 -11.26 9.73 -15.66
C HIS A 86 -11.62 8.86 -16.86
N ASN A 87 -11.10 9.17 -18.04
CA ASN A 87 -11.40 8.43 -19.26
C ASN A 87 -10.52 7.20 -19.42
N LEU A 88 -9.67 6.88 -18.46
N LEU A 88 -9.67 6.87 -18.45
CA LEU A 88 -8.69 5.81 -18.59
CA LEU A 88 -8.69 5.80 -18.60
C LEU A 88 -9.08 4.53 -17.85
C LEU A 88 -9.01 4.54 -17.80
N ALA A 89 -9.78 4.65 -16.74
CA ALA A 89 -10.08 3.53 -15.84
C ALA A 89 -11.19 4.00 -14.93
N LYS A 90 -11.77 3.06 -14.18
CA LYS A 90 -12.74 3.49 -13.17
C LYS A 90 -12.06 4.34 -12.11
N HIS A 91 -10.96 3.84 -11.55
CA HIS A 91 -10.22 4.49 -10.49
C HIS A 91 -8.75 4.59 -10.88
N CYS A 92 -8.09 5.61 -10.33
CA CYS A 92 -6.64 5.69 -10.37
C CYS A 92 -6.12 5.60 -8.95
N LEU A 93 -5.26 4.60 -8.71
CA LEU A 93 -4.54 4.46 -7.45
C LEU A 93 -3.21 5.19 -7.61
N HIS A 94 -3.10 6.37 -6.99
CA HIS A 94 -1.87 7.14 -7.01
C HIS A 94 -0.96 6.60 -5.92
N VAL A 95 0.18 6.01 -6.31
CA VAL A 95 1.09 5.36 -5.36
C VAL A 95 2.44 6.08 -5.44
N VAL A 96 2.98 6.43 -4.28
CA VAL A 96 4.26 7.13 -4.20
C VAL A 96 5.37 6.13 -3.86
N GLY A 97 6.13 5.72 -4.86
N GLY A 97 6.17 5.75 -4.83
CA GLY A 97 7.37 5.03 -4.60
CA GLY A 97 7.38 5.02 -4.55
C GLY A 97 8.46 6.02 -4.32
C GLY A 97 8.49 5.97 -4.14
N PRO A 98 9.52 5.59 -3.63
N PRO A 98 9.51 5.45 -3.46
CA PRO A 98 10.64 6.50 -3.38
CA PRO A 98 10.64 6.31 -3.11
C PRO A 98 11.32 6.94 -4.68
C PRO A 98 11.38 6.79 -4.36
N ASN A 99 11.72 8.21 -4.70
N ASN A 99 11.76 8.05 -4.35
CA ASN A 99 12.44 8.79 -5.83
CA ASN A 99 12.57 8.62 -5.43
C ASN A 99 13.91 8.89 -5.43
C ASN A 99 14.02 8.62 -4.97
N VAL A 100 14.72 7.96 -5.93
N VAL A 100 14.84 7.82 -5.66
CA VAL A 100 16.15 7.91 -5.60
CA VAL A 100 16.24 7.67 -5.25
C VAL A 100 16.83 9.21 -5.99
C VAL A 100 17.00 8.96 -5.51
N ASN A 101 16.36 9.87 -7.05
N ASN A 101 16.59 9.74 -6.51
CA ASN A 101 16.95 11.15 -7.42
CA ASN A 101 17.20 11.03 -6.78
C ASN A 101 16.60 12.27 -6.44
C ASN A 101 16.82 12.08 -5.76
N LYS A 102 15.84 11.97 -5.38
N LYS A 102 15.85 11.79 -4.88
CA LYS A 102 15.64 12.85 -4.25
CA LYS A 102 15.48 12.67 -3.79
C LYS A 102 16.30 12.35 -2.98
C LYS A 102 16.04 12.19 -2.45
N GLY A 103 16.94 11.17 -3.02
N GLY A 103 16.83 11.12 -2.44
CA GLY A 103 17.55 10.59 -1.84
CA GLY A 103 17.42 10.62 -1.21
C GLY A 103 16.62 9.78 -0.96
C GLY A 103 16.51 9.79 -0.35
N GLU A 104 15.43 9.45 -1.45
N GLU A 104 15.52 9.13 -0.92
CA GLU A 104 14.44 8.78 -0.62
CA GLU A 104 14.48 8.45 -0.17
C GLU A 104 14.77 7.30 -0.45
C GLU A 104 14.77 6.95 -0.03
N ASP A 105 14.45 6.78 0.73
N ASP A 105 14.28 6.38 1.07
CA ASP A 105 14.84 5.44 1.12
CA ASP A 105 14.64 5.04 1.50
C ASP A 105 14.18 4.40 0.21
C ASP A 105 14.08 4.00 0.54
N ILE A 106 15.00 3.53 -0.39
N ILE A 106 14.97 3.23 -0.11
CA ILE A 106 14.48 2.52 -1.31
CA ILE A 106 14.53 2.20 -1.03
C ILE A 106 13.71 1.43 -0.59
C ILE A 106 13.66 1.17 -0.34
N GLN A 107 13.91 1.28 0.72
N GLN A 107 13.85 0.98 0.97
CA GLN A 107 13.17 0.27 1.48
CA GLN A 107 12.98 0.08 1.71
C GLN A 107 11.66 0.52 1.44
C GLN A 107 11.53 0.54 1.66
N LEU A 108 11.27 1.79 1.29
CA LEU A 108 9.89 2.20 1.18
C LEU A 108 9.23 1.67 -0.08
N LEU A 109 9.99 1.07 -1.00
CA LEU A 109 9.38 0.50 -2.19
C LEU A 109 8.42 -0.64 -1.83
N LYS A 110 8.78 -1.46 -0.83
CA LYS A 110 7.87 -2.53 -0.43
C LYS A 110 6.56 -1.95 0.11
N SER A 111 6.65 -0.94 0.96
CA SER A 111 5.45 -0.28 1.48
C SER A 111 4.60 0.25 0.34
N ALA A 112 5.23 0.84 -0.68
CA ALA A 112 4.49 1.35 -1.82
C ALA A 112 3.71 0.24 -2.52
N TYR A 113 4.36 -0.90 -2.79
CA TYR A 113 3.67 -2.01 -3.45
C TYR A 113 2.56 -2.61 -2.58
N GLU A 114 2.67 -2.52 -1.25
CA GLU A 114 1.62 -3.07 -0.39
C GLU A 114 0.26 -2.43 -0.68
N ASN A 115 0.25 -1.19 -1.17
CA ASN A 115 -1.02 -0.55 -1.49
C ASN A 115 -1.79 -1.34 -2.55
N PHE A 116 -1.07 -2.05 -3.44
CA PHE A 116 -1.74 -2.80 -4.50
C PHE A 116 -2.64 -3.89 -3.92
N ASN A 117 -2.33 -4.40 -2.72
CA ASN A 117 -3.07 -5.53 -2.17
C ASN A 117 -4.49 -5.16 -1.77
N GLN A 118 -4.83 -3.87 -1.76
CA GLN A 118 -6.18 -3.43 -1.47
C GLN A 118 -7.09 -3.50 -2.69
N HIS A 119 -6.59 -3.99 -3.83
CA HIS A 119 -7.35 -4.03 -5.08
C HIS A 119 -7.14 -5.38 -5.74
N GLU A 120 -8.23 -6.01 -6.17
CA GLU A 120 -8.14 -7.38 -6.66
C GLU A 120 -7.37 -7.49 -7.97
N VAL A 121 -7.48 -6.49 -8.84
CA VAL A 121 -6.84 -6.49 -10.16
C VAL A 121 -6.39 -5.06 -10.46
N LEU A 122 -5.16 -4.91 -10.96
CA LEU A 122 -4.62 -3.58 -11.29
C LEU A 122 -3.79 -3.64 -12.55
N LEU A 123 -3.84 -2.56 -13.32
CA LEU A 123 -2.86 -2.24 -14.35
C LEU A 123 -1.87 -1.26 -13.75
N ALA A 124 -0.56 -1.52 -13.90
N ALA A 124 -0.57 -1.57 -13.83
CA ALA A 124 0.41 -0.72 -13.16
CA ALA A 124 0.40 -0.82 -13.04
C ALA A 124 1.72 -0.61 -13.94
C ALA A 124 1.73 -0.67 -13.77
N PRO A 125 2.52 0.42 -13.65
N PRO A 125 2.45 0.42 -13.50
CA PRO A 125 3.94 0.44 -14.01
CA PRO A 125 3.82 0.58 -13.98
C PRO A 125 4.79 -0.09 -12.86
C PRO A 125 4.77 -0.01 -12.95
N LEU A 126 6.08 -0.29 -13.15
N LEU A 126 6.05 -0.05 -13.31
CA LEU A 126 7.04 -0.60 -12.10
CA LEU A 126 7.08 -0.47 -12.37
C LEU A 126 7.29 0.63 -11.24
C LEU A 126 7.41 0.72 -11.45
N LEU A 127 7.08 0.49 -9.94
N LEU A 127 7.01 0.63 -10.18
CA LEU A 127 7.24 1.60 -9.02
CA LEU A 127 7.21 1.75 -9.26
C LEU A 127 8.70 1.98 -8.88
C LEU A 127 8.69 2.00 -9.04
N SER A 128 8.95 3.27 -8.82
N SER A 128 9.00 3.28 -8.85
CA SER A 128 10.27 3.87 -8.63
CA SER A 128 10.34 3.81 -8.57
C SER A 128 11.18 3.67 -9.84
C SER A 128 11.32 3.63 -9.73
N ALA A 129 10.69 3.10 -10.93
N ALA A 129 10.89 3.11 -10.87
CA ALA A 129 11.46 2.98 -12.16
CA ALA A 129 11.75 2.97 -12.03
C ALA A 129 11.45 4.31 -12.91
C ALA A 129 11.73 4.24 -12.87
N GLY A 130 12.06 4.33 -14.08
N GLY A 130 12.42 4.20 -14.01
CA GLY A 130 12.07 5.56 -14.87
CA GLY A 130 12.47 5.35 -14.89
C GLY A 130 12.71 6.70 -14.10
C GLY A 130 13.04 6.56 -14.17
N ILE A 131 12.05 7.85 -14.12
N ILE A 131 12.36 7.70 -14.33
CA ILE A 131 12.63 9.08 -13.54
CA ILE A 131 12.86 8.96 -13.78
C ILE A 131 12.73 9.05 -12.03
C ILE A 131 12.84 8.98 -12.26
N PHE A 132 12.14 8.04 -11.36
N PHE A 132 12.28 7.96 -11.61
CA PHE A 132 12.32 7.92 -9.92
CA PHE A 132 12.37 7.85 -10.16
C PHE A 132 13.64 7.24 -9.54
C PHE A 132 13.72 7.30 -9.70
N GLY A 133 14.41 6.76 -10.51
N GLY A 133 14.49 6.68 -10.59
CA GLY A 133 15.80 6.48 -10.29
CA GLY A 133 15.90 6.43 -10.35
C GLY A 133 16.15 5.10 -9.74
C GLY A 133 16.28 5.09 -9.76
N ALA A 134 15.18 4.23 -9.48
N ALA A 134 15.32 4.22 -9.42
CA ALA A 134 15.50 2.91 -8.96
CA ALA A 134 15.68 2.96 -8.78
C ALA A 134 15.76 1.93 -10.10
C ALA A 134 16.01 1.89 -9.82
N ASP A 135 16.40 0.82 -9.76
N ASP A 135 16.58 0.79 -9.33
CA ASP A 135 16.66 -0.25 -10.71
CA ASP A 135 16.90 -0.37 -10.16
C ASP A 135 15.36 -0.98 -11.02
C ASP A 135 15.63 -1.08 -10.57
N PRO A 136 14.88 -0.97 -12.27
N PRO A 136 15.30 -1.17 -11.86
CA PRO A 136 13.60 -1.64 -12.56
CA PRO A 136 14.03 -1.81 -12.25
C PRO A 136 13.63 -3.14 -12.30
C PRO A 136 13.99 -3.30 -11.97
N ILE A 137 14.79 -3.79 -12.40
N ILE A 137 15.10 -4.02 -12.13
CA ILE A 137 14.86 -5.21 -12.08
CA ILE A 137 15.12 -5.43 -11.74
C ILE A 137 14.53 -5.43 -10.60
C ILE A 137 14.71 -5.57 -10.28
N HIS A 138 15.10 -4.59 -9.73
N HIS A 138 15.21 -4.68 -9.44
CA HIS A 138 14.82 -4.69 -8.30
CA HIS A 138 14.80 -4.67 -8.04
C HIS A 138 13.34 -4.41 -8.02
C HIS A 138 13.31 -4.37 -7.90
N SER A 139 12.79 -3.39 -8.66
CA SER A 139 11.38 -3.06 -8.50
C SER A 139 10.49 -4.25 -8.87
N LEU A 140 10.82 -4.95 -9.95
CA LEU A 140 10.03 -6.12 -10.33
C LEU A 140 10.08 -7.19 -9.25
N ARG A 141 11.27 -7.42 -8.68
CA ARG A 141 11.43 -8.41 -7.62
C ARG A 141 10.57 -8.05 -6.40
N VAL A 142 10.63 -6.79 -5.98
CA VAL A 142 9.80 -6.36 -4.85
C VAL A 142 8.32 -6.54 -5.18
N CYS A 143 7.91 -6.18 -6.40
CA CYS A 143 6.52 -6.37 -6.80
C CYS A 143 6.10 -7.82 -6.62
N VAL A 144 6.87 -8.74 -7.20
CA VAL A 144 6.50 -10.15 -7.16
C VAL A 144 6.46 -10.66 -5.73
N ASP A 145 7.36 -10.17 -4.87
CA ASP A 145 7.46 -10.64 -3.50
C ASP A 145 6.53 -9.91 -2.53
N THR A 146 5.77 -8.92 -3.00
CA THR A 146 4.91 -8.12 -2.13
C THR A 146 3.45 -8.17 -2.53
N VAL A 147 3.17 -8.03 -3.83
CA VAL A 147 1.80 -7.98 -4.31
C VAL A 147 1.25 -9.40 -4.39
N ARG A 148 0.07 -9.60 -3.81
CA ARG A 148 -0.63 -10.87 -3.82
C ARG A 148 -1.87 -10.85 -4.70
N THR A 149 -2.36 -9.67 -5.04
CA THR A 149 -3.48 -9.51 -5.94
C THR A 149 -2.96 -9.56 -7.38
N ASN A 150 -3.87 -9.51 -8.34
CA ASN A 150 -3.52 -9.74 -9.74
C ASN A 150 -3.05 -8.44 -10.37
N VAL A 151 -1.77 -8.39 -10.76
CA VAL A 151 -1.18 -7.17 -11.28
C VAL A 151 -0.66 -7.41 -12.69
N TYR A 152 -1.04 -6.50 -13.58
CA TYR A 152 -0.65 -6.47 -14.98
C TYR A 152 0.28 -5.29 -15.15
N LEU A 153 1.57 -5.60 -15.32
N LEU A 153 1.56 -5.58 -15.40
CA LEU A 153 2.62 -4.61 -15.42
CA LEU A 153 2.59 -4.56 -15.49
C LEU A 153 2.85 -4.21 -16.88
C LEU A 153 2.85 -4.18 -16.94
N ALA A 154 2.95 -2.91 -17.11
N ALA A 154 2.57 -2.93 -17.28
CA ALA A 154 3.25 -2.34 -18.42
CA ALA A 154 2.89 -2.37 -18.59
C ALA A 154 4.63 -1.70 -18.34
C ALA A 154 4.23 -1.66 -18.51
N VAL A 155 5.53 -2.15 -19.20
N VAL A 155 5.19 -2.12 -19.32
CA VAL A 155 6.88 -1.61 -19.30
CA VAL A 155 6.55 -1.60 -19.32
C VAL A 155 7.00 -0.94 -20.66
C VAL A 155 6.77 -0.83 -20.62
N PHE A 156 7.08 0.39 -20.67
N PHE A 156 7.14 0.45 -20.48
CA PHE A 156 7.05 1.16 -21.92
CA PHE A 156 7.23 1.35 -21.63
C PHE A 156 8.25 0.84 -22.80
C PHE A 156 8.42 1.00 -22.53
N ASP A 157 9.43 0.69 -22.21
N ASP A 157 9.58 0.80 -21.93
CA ASP A 157 10.68 0.53 -22.96
CA ASP A 157 10.83 0.72 -22.66
C ASP A 157 10.86 -0.93 -23.35
C ASP A 157 11.05 -0.69 -23.17
N LYS A 158 10.92 -1.20 -24.66
N LYS A 158 11.15 -0.84 -24.49
CA LYS A 158 11.03 -2.58 -25.13
CA LYS A 158 11.28 -2.17 -25.07
C LYS A 158 12.35 -3.20 -24.71
C LYS A 158 12.55 -2.86 -24.59
N ASN A 159 13.46 -2.46 -24.81
N ASN A 159 13.68 -2.14 -24.61
CA ASN A 159 14.74 -3.00 -24.38
CA ASN A 159 14.93 -2.73 -24.15
C ASN A 159 14.71 -3.36 -22.90
C ASN A 159 14.84 -3.14 -22.69
N LEU A 160 14.12 -2.49 -22.07
N LEU A 160 14.13 -2.36 -21.87
CA LEU A 160 14.03 -2.81 -20.65
CA LEU A 160 13.96 -2.75 -20.48
C LEU A 160 13.17 -4.03 -20.41
C LEU A 160 13.07 -3.98 -20.34
N TYR A 161 12.06 -4.15 -21.14
N TYR A 161 11.94 -4.00 -21.05
CA TYR A 161 11.18 -5.30 -20.98
CA TYR A 161 11.08 -5.17 -21.03
C TYR A 161 11.94 -6.61 -21.19
C TYR A 161 11.87 -6.43 -21.39
N ASP A 162 12.74 -6.69 -22.26
N ASP A 162 12.65 -6.36 -22.47
CA ASP A 162 13.45 -7.93 -22.55
CA ASP A 162 13.48 -7.49 -22.87
C ASP A 162 14.43 -8.29 -21.44
C ASP A 162 14.42 -7.88 -21.74
N LYS A 163 15.08 -7.28 -20.85
N LYS A 163 15.08 -6.89 -21.13
CA LYS A 163 16.02 -7.53 -19.76
CA LYS A 163 15.99 -7.18 -20.03
C LYS A 163 15.31 -8.01 -18.51
C LYS A 163 15.24 -7.75 -18.83
N LEU A 164 14.13 -7.46 -18.22
N LEU A 164 14.07 -7.20 -18.51
CA LEU A 164 13.36 -7.89 -17.05
CA LEU A 164 13.34 -7.65 -17.33
C LEU A 164 12.93 -9.34 -17.19
C LEU A 164 12.93 -9.12 -17.48
N VAL A 165 12.44 -9.72 -18.37
N VAL A 165 12.47 -9.50 -18.66
CA VAL A 165 11.99 -11.09 -18.59
CA VAL A 165 12.08 -10.89 -18.90
C VAL A 165 13.17 -12.05 -18.54
C VAL A 165 13.29 -11.80 -18.79
N SER A 166 14.21 -11.76 -19.30
N SER A 166 14.40 -11.42 -19.45
CA SER A 166 15.34 -12.67 -19.41
CA SER A 166 15.55 -12.31 -19.55
C SER A 166 16.06 -12.85 -18.09
C SER A 166 16.26 -12.53 -18.23
N SER A 167 16.05 -11.82 -17.24
N SER A 167 16.09 -11.64 -17.26
CA SER A 167 16.76 -11.84 -15.97
CA SER A 167 16.76 -11.75 -15.97
C SER A 167 15.86 -12.23 -14.81
C SER A 167 15.85 -12.23 -14.85
N PHE A 168 14.61 -12.60 -15.07
N PHE A 168 14.57 -12.45 -15.12
CA PHE A 168 13.68 -12.88 -13.99
CA PHE A 168 13.64 -12.80 -14.07
C PHE A 168 13.93 -14.25 -13.40
C PHE A 168 13.96 -14.17 -13.48
N LEU A 169 14.06 -14.31 -12.08
N LEU A 169 14.01 -14.24 -12.16
CA LEU A 169 14.26 -15.57 -11.38
CA LEU A 169 14.35 -15.49 -11.49
C LEU A 169 12.94 -16.07 -10.84
C LEU A 169 13.08 -16.23 -11.08
N SER B 1 7.25 18.16 25.64
N SER B 1 7.28 18.20 25.73
CA SER B 1 6.25 17.18 26.11
CA SER B 1 6.23 17.19 26.02
C SER B 1 6.71 15.76 25.81
C SER B 1 6.70 15.80 25.62
N MET B 2 6.05 14.81 26.44
N MET B 2 5.90 14.82 26.03
CA MET B 2 6.41 13.40 26.38
CA MET B 2 6.27 13.41 25.98
C MET B 2 5.35 12.67 25.58
C MET B 2 5.22 12.69 25.16
N VAL B 3 5.75 12.09 24.45
N VAL B 3 5.57 12.32 23.93
CA VAL B 3 4.86 11.31 23.60
CA VAL B 3 4.74 11.46 23.09
C VAL B 3 5.60 10.06 23.15
C VAL B 3 5.53 10.21 22.73
N ASN B 4 4.84 9.08 22.67
CA ASN B 4 5.42 7.79 22.28
C ASN B 4 6.41 7.30 23.33
N SER B 5 6.04 7.44 24.61
CA SER B 5 6.91 7.05 25.72
C SER B 5 6.53 5.65 26.19
N PHE B 6 6.86 4.67 25.35
CA PHE B 6 6.57 3.28 25.66
C PHE B 6 7.56 2.76 26.68
N SER B 7 7.06 2.03 27.68
CA SER B 7 7.87 1.53 28.77
C SER B 7 7.44 0.13 29.16
N GLY B 8 8.42 -0.72 29.48
CA GLY B 8 8.14 -2.04 29.98
C GLY B 8 7.78 -3.07 28.93
N TYR B 9 8.11 -2.80 27.66
CA TYR B 9 7.82 -3.76 26.61
C TYR B 9 8.95 -4.77 26.46
N LEU B 10 8.55 -5.99 26.08
CA LEU B 10 9.49 -7.05 25.78
C LEU B 10 9.72 -7.06 24.27
N LYS B 11 10.99 -7.07 23.88
CA LYS B 11 11.35 -7.06 22.46
C LYS B 11 11.22 -8.48 21.90
N LEU B 12 10.40 -8.63 20.85
CA LEU B 12 10.30 -9.90 20.12
C LEU B 12 11.19 -9.92 18.88
N THR B 13 11.14 -8.85 18.09
CA THR B 13 12.01 -8.65 16.95
C THR B 13 12.52 -7.22 17.00
N ASP B 14 13.32 -6.85 16.00
N ASP B 14 13.32 -6.85 16.00
CA ASP B 14 13.89 -5.50 15.98
CA ASP B 14 13.89 -5.50 15.97
C ASP B 14 12.80 -4.44 16.03
C ASP B 14 12.84 -4.40 15.87
N ASN B 15 11.60 -4.73 15.51
CA ASN B 15 10.55 -3.74 15.40
C ASN B 15 9.24 -4.10 16.08
N VAL B 16 9.12 -5.27 16.70
CA VAL B 16 7.88 -5.70 17.34
C VAL B 16 8.14 -5.91 18.83
N TYR B 17 7.34 -5.23 19.65
CA TYR B 17 7.44 -5.23 21.09
C TYR B 17 6.08 -5.61 21.68
N ILE B 18 6.07 -6.18 22.88
CA ILE B 18 4.84 -6.68 23.47
C ILE B 18 4.82 -6.42 24.97
N LYS B 19 3.63 -6.15 25.50
CA LYS B 19 3.45 -5.87 26.92
C LYS B 19 2.10 -6.38 27.37
N ASN B 20 2.06 -6.87 28.61
CA ASN B 20 0.79 -7.25 29.25
C ASN B 20 0.19 -5.95 29.80
N ALA B 21 -0.83 -5.43 29.13
CA ALA B 21 -1.37 -4.13 29.50
C ALA B 21 -2.74 -3.93 28.87
N ASP B 22 -3.50 -3.04 29.50
CA ASP B 22 -4.78 -2.54 29.00
C ASP B 22 -4.49 -1.42 28.01
N ILE B 23 -4.89 -1.60 26.74
CA ILE B 23 -4.50 -0.66 25.69
C ILE B 23 -5.02 0.74 25.94
N VAL B 24 -6.17 0.89 26.59
CA VAL B 24 -6.68 2.23 26.93
C VAL B 24 -5.77 2.89 27.95
N GLU B 25 -5.43 2.17 29.02
CA GLU B 25 -4.53 2.74 30.03
C GLU B 25 -3.17 3.02 29.41
N GLU B 26 -2.70 2.13 28.54
N GLU B 26 -2.70 2.13 28.54
CA GLU B 26 -1.42 2.37 27.87
CA GLU B 26 -1.42 2.36 27.86
C GLU B 26 -1.46 3.63 27.02
C GLU B 26 -1.46 3.62 27.02
N ALA B 27 -2.53 3.80 26.25
CA ALA B 27 -2.64 4.97 25.39
C ALA B 27 -2.60 6.25 26.22
N LYS B 28 -3.32 6.27 27.34
CA LYS B 28 -3.33 7.47 28.17
C LYS B 28 -1.97 7.76 28.77
N LYS B 29 -1.16 6.72 29.04
N LYS B 29 -1.17 6.73 29.04
CA LYS B 29 0.15 6.91 29.63
CA LYS B 29 0.14 6.94 29.62
C LYS B 29 1.25 7.15 28.61
C LYS B 29 1.19 7.25 28.55
N VAL B 30 1.20 6.46 27.47
CA VAL B 30 2.25 6.57 26.46
C VAL B 30 2.11 7.82 25.60
N LYS B 31 0.88 8.29 25.41
CA LYS B 31 0.56 9.39 24.52
C LYS B 31 1.07 9.09 23.10
N PRO B 32 0.61 8.01 22.47
CA PRO B 32 1.14 7.64 21.15
C PRO B 32 0.61 8.55 20.06
N THR B 33 1.43 8.69 19.00
CA THR B 33 0.94 9.33 17.78
C THR B 33 -0.23 8.55 17.20
N VAL B 34 -0.17 7.22 17.23
CA VAL B 34 -1.18 6.37 16.61
C VAL B 34 -1.55 5.26 17.59
N VAL B 35 -2.85 5.13 17.88
CA VAL B 35 -3.39 3.91 18.46
C VAL B 35 -4.24 3.21 17.40
N VAL B 36 -4.06 1.89 17.28
CA VAL B 36 -4.82 1.08 16.34
C VAL B 36 -6.09 0.58 17.02
N ASN B 37 -7.21 0.73 16.31
CA ASN B 37 -8.46 0.10 16.70
C ASN B 37 -8.69 -1.16 15.89
N ALA B 38 -9.20 -2.20 16.58
CA ALA B 38 -9.68 -3.43 15.96
C ALA B 38 -11.10 -3.18 15.46
N ALA B 39 -11.17 -2.55 14.29
CA ALA B 39 -12.42 -2.05 13.72
C ALA B 39 -13.12 -3.09 12.86
N ASN B 40 -14.38 -2.80 12.53
CA ASN B 40 -15.13 -3.49 11.50
C ASN B 40 -15.46 -2.49 10.38
N VAL B 41 -16.02 -3.00 9.29
CA VAL B 41 -16.11 -2.19 8.08
C VAL B 41 -17.04 -1.00 8.23
N TYR B 42 -18.04 -1.07 9.12
CA TYR B 42 -18.94 0.04 9.35
C TYR B 42 -18.55 0.87 10.58
N LEU B 43 -17.38 0.62 11.15
CA LEU B 43 -16.88 1.39 12.28
C LEU B 43 -17.90 1.44 13.40
N LYS B 44 -18.54 0.30 13.68
CA LYS B 44 -19.47 0.17 14.80
C LYS B 44 -18.69 -0.42 15.96
N HIS B 45 -18.39 0.41 16.96
CA HIS B 45 -17.43 0.08 18.00
C HIS B 45 -18.15 -0.52 19.20
N GLY B 46 -18.61 -1.75 19.03
N GLY B 46 -18.62 -1.74 19.02
CA GLY B 46 -19.45 -2.39 20.01
CA GLY B 46 -19.43 -2.38 20.04
C GLY B 46 -18.76 -3.15 21.13
C GLY B 46 -18.64 -3.05 21.14
N GLY B 47 -17.81 -4.02 20.78
CA GLY B 47 -17.20 -4.92 21.75
C GLY B 47 -15.69 -4.92 21.69
N GLY B 48 -15.10 -5.70 22.60
CA GLY B 48 -13.67 -5.87 22.59
C GLY B 48 -12.93 -4.55 22.62
N VAL B 49 -11.82 -4.49 21.87
CA VAL B 49 -10.97 -3.31 21.85
C VAL B 49 -11.76 -2.08 21.40
N ALA B 50 -12.54 -2.20 20.32
CA ALA B 50 -13.24 -1.04 19.80
C ALA B 50 -14.21 -0.47 20.82
N GLY B 51 -14.96 -1.34 21.51
CA GLY B 51 -15.87 -0.86 22.52
C GLY B 51 -15.14 -0.13 23.64
N ALA B 52 -13.99 -0.65 24.05
CA ALA B 52 -13.22 -0.02 25.12
C ALA B 52 -12.66 1.33 24.68
N LEU B 53 -12.09 1.40 23.48
CA LEU B 53 -11.58 2.68 23.00
C LEU B 53 -12.69 3.71 22.90
N ASN B 54 -13.82 3.31 22.31
CA ASN B 54 -14.91 4.27 22.14
C ASN B 54 -15.43 4.74 23.48
N LYS B 55 -15.59 3.82 24.45
CA LYS B 55 -16.05 4.22 25.78
C LYS B 55 -15.10 5.23 26.40
N ALA B 56 -13.79 5.04 26.24
CA ALA B 56 -12.83 5.98 26.81
C ALA B 56 -13.00 7.38 26.24
N THR B 57 -13.45 7.47 24.98
CA THR B 57 -13.70 8.76 24.34
C THR B 57 -15.09 9.31 24.65
N ASN B 58 -15.85 8.67 25.53
CA ASN B 58 -17.20 9.11 25.86
C ASN B 58 -18.06 9.18 24.59
N ASN B 59 -17.89 8.19 23.70
CA ASN B 59 -18.67 8.01 22.47
C ASN B 59 -18.29 9.00 21.36
N ALA B 60 -17.30 9.88 21.57
CA ALA B 60 -16.90 10.79 20.51
C ALA B 60 -16.36 10.04 19.30
N MET B 61 -15.67 8.93 19.54
CA MET B 61 -15.17 8.13 18.42
C MET B 61 -16.32 7.60 17.57
N GLN B 62 -17.40 7.13 18.20
CA GLN B 62 -18.51 6.58 17.43
C GLN B 62 -19.19 7.68 16.62
N VAL B 63 -19.40 8.85 17.21
CA VAL B 63 -20.04 9.94 16.47
C VAL B 63 -19.20 10.31 15.25
N GLU B 64 -17.89 10.46 15.44
CA GLU B 64 -16.99 10.78 14.33
C GLU B 64 -17.00 9.67 13.28
N SER B 65 -17.04 8.42 13.71
CA SER B 65 -17.03 7.29 12.81
C SER B 65 -18.30 7.25 11.97
N ASP B 66 -19.47 7.48 12.59
CA ASP B 66 -20.71 7.47 11.83
C ASP B 66 -20.69 8.55 10.75
N ASP B 67 -20.15 9.72 11.05
CA ASP B 67 -20.03 10.76 10.04
C ASP B 67 -19.07 10.34 8.93
N TYR B 68 -17.96 9.69 9.27
CA TYR B 68 -17.04 9.18 8.25
C TYR B 68 -17.76 8.22 7.31
N ILE B 69 -18.55 7.30 7.87
CA ILE B 69 -19.26 6.32 7.06
C ILE B 69 -20.29 6.99 6.15
N ALA B 70 -21.01 7.99 6.68
CA ALA B 70 -21.98 8.68 5.86
C ALA B 70 -21.32 9.30 4.63
N THR B 71 -20.11 9.83 4.80
CA THR B 71 -19.42 10.50 3.70
C THR B 71 -18.72 9.53 2.75
N ASN B 72 -18.17 8.43 3.29
CA ASN B 72 -17.23 7.59 2.57
C ASN B 72 -17.71 6.16 2.33
N GLY B 73 -18.74 5.70 3.05
CA GLY B 73 -19.14 4.32 2.97
C GLY B 73 -18.21 3.43 3.74
N PRO B 74 -18.53 2.14 3.78
CA PRO B 74 -17.76 1.20 4.61
C PRO B 74 -16.36 0.96 4.07
N LEU B 75 -15.49 0.56 4.99
CA LEU B 75 -14.16 0.12 4.64
C LEU B 75 -14.23 -1.27 4.01
N LYS B 76 -13.09 -1.71 3.47
CA LYS B 76 -12.89 -3.09 3.03
C LYS B 76 -12.25 -3.89 4.17
N VAL B 77 -12.59 -5.18 4.27
CA VAL B 77 -11.83 -6.05 5.14
C VAL B 77 -10.39 -6.06 4.64
N GLY B 78 -9.44 -5.84 5.55
CA GLY B 78 -8.06 -5.64 5.21
C GLY B 78 -7.65 -4.20 5.05
N GLY B 79 -8.61 -3.27 5.08
CA GLY B 79 -8.33 -1.86 4.90
C GLY B 79 -8.35 -1.09 6.22
N SER B 80 -8.19 0.23 6.09
CA SER B 80 -8.09 1.09 7.26
C SER B 80 -8.47 2.52 6.91
N CYS B 81 -8.71 3.31 7.96
CA CYS B 81 -8.77 4.76 7.82
C CYS B 81 -8.18 5.40 9.06
N VAL B 82 -7.70 6.64 8.89
CA VAL B 82 -7.15 7.44 9.98
C VAL B 82 -8.20 8.44 10.43
N LEU B 83 -8.54 8.40 11.72
CA LEU B 83 -9.43 9.36 12.33
C LEU B 83 -8.75 9.95 13.56
N SER B 84 -9.46 10.81 14.28
CA SER B 84 -8.89 11.41 15.48
C SER B 84 -8.62 10.35 16.54
N GLY B 85 -7.59 10.59 17.36
CA GLY B 85 -7.34 9.80 18.53
C GLY B 85 -7.98 10.33 19.81
N HIS B 86 -8.67 11.45 19.78
CA HIS B 86 -9.47 11.93 20.92
C HIS B 86 -8.55 12.08 22.14
N ASN B 87 -8.90 11.50 23.29
CA ASN B 87 -8.09 11.56 24.50
C ASN B 87 -7.11 10.41 24.60
N LEU B 88 -6.91 9.66 23.52
CA LEU B 88 -6.06 8.47 23.54
C LEU B 88 -4.76 8.63 22.77
N ALA B 89 -4.74 9.45 21.72
CA ALA B 89 -3.63 9.46 20.79
C ALA B 89 -3.84 10.65 19.87
N LYS B 90 -2.81 10.99 19.09
CA LYS B 90 -3.03 11.99 18.04
C LYS B 90 -4.05 11.46 17.04
N HIS B 91 -3.85 10.23 16.57
CA HIS B 91 -4.69 9.60 15.57
C HIS B 91 -5.10 8.21 16.05
N CYS B 92 -6.27 7.79 15.60
CA CYS B 92 -6.66 6.38 15.67
C CYS B 92 -6.66 5.81 14.25
N LEU B 93 -5.87 4.75 14.06
CA LEU B 93 -5.88 4.00 12.81
C LEU B 93 -6.87 2.85 12.98
N HIS B 94 -8.02 2.96 12.33
CA HIS B 94 -9.05 1.93 12.39
C HIS B 94 -8.71 0.88 11.33
N VAL B 95 -8.32 -0.32 11.75
CA VAL B 95 -7.90 -1.37 10.84
C VAL B 95 -8.87 -2.53 10.94
N VAL B 96 -9.32 -3.02 9.79
CA VAL B 96 -10.28 -4.12 9.74
C VAL B 96 -9.54 -5.41 9.42
N GLY B 97 -9.32 -6.25 10.44
CA GLY B 97 -8.88 -7.60 10.22
C GLY B 97 -10.06 -8.50 9.93
N PRO B 98 -9.81 -9.67 9.32
CA PRO B 98 -10.90 -10.62 9.10
C PRO B 98 -11.46 -11.14 10.41
N ASN B 99 -12.78 -11.28 10.44
CA ASN B 99 -13.48 -11.85 11.59
C ASN B 99 -13.80 -13.30 11.27
N VAL B 100 -13.02 -14.22 11.82
N VAL B 100 -13.02 -14.22 11.83
CA VAL B 100 -13.24 -15.65 11.58
CA VAL B 100 -13.23 -15.65 11.60
C VAL B 100 -14.58 -16.09 12.14
C VAL B 100 -14.56 -16.11 12.17
N ASN B 101 -15.03 -15.48 13.25
CA ASN B 101 -16.35 -15.79 13.81
C ASN B 101 -17.48 -15.38 12.87
N LYS B 102 -17.19 -14.55 11.87
CA LYS B 102 -18.16 -14.18 10.83
C LYS B 102 -17.87 -14.89 9.51
N GLY B 103 -16.94 -15.85 9.49
CA GLY B 103 -16.64 -16.59 8.29
C GLY B 103 -15.71 -15.92 7.32
N GLU B 104 -15.11 -14.78 7.70
N GLU B 104 -15.09 -14.81 7.70
CA GLU B 104 -14.26 -14.04 6.79
CA GLU B 104 -14.21 -14.08 6.79
C GLU B 104 -12.91 -14.72 6.65
C GLU B 104 -12.85 -14.77 6.70
N ASP B 105 -12.26 -14.47 5.50
N ASP B 105 -12.19 -14.56 5.56
CA ASP B 105 -11.07 -15.22 5.12
CA ASP B 105 -11.00 -15.33 5.21
C ASP B 105 -9.88 -14.77 5.95
C ASP B 105 -9.79 -14.85 6.02
N ILE B 106 -9.32 -15.71 6.73
N ILE B 106 -9.22 -15.76 6.80
CA ILE B 106 -8.15 -15.42 7.55
CA ILE B 106 -8.04 -15.43 7.61
C ILE B 106 -6.96 -14.97 6.71
C ILE B 106 -6.87 -14.97 6.75
N GLN B 107 -6.94 -15.31 5.42
N GLN B 107 -6.87 -15.31 5.46
CA GLN B 107 -5.84 -14.90 4.56
CA GLN B 107 -5.79 -14.88 4.58
C GLN B 107 -5.70 -13.38 4.49
C GLN B 107 -5.70 -13.37 4.46
N LEU B 108 -6.79 -12.64 4.74
CA LEU B 108 -6.77 -11.18 4.66
C LEU B 108 -6.05 -10.51 5.81
N LEU B 109 -5.57 -11.30 6.77
CA LEU B 109 -4.89 -10.72 7.92
C LEU B 109 -3.59 -10.04 7.52
N LYS B 110 -2.87 -10.58 6.53
CA LYS B 110 -1.63 -9.95 6.12
C LYS B 110 -1.91 -8.55 5.54
N SER B 111 -2.91 -8.44 4.66
CA SER B 111 -3.29 -7.13 4.13
C SER B 111 -3.64 -6.16 5.26
N ALA B 112 -4.36 -6.64 6.27
CA ALA B 112 -4.71 -5.77 7.39
C ALA B 112 -3.47 -5.23 8.08
N TYR B 113 -2.49 -6.11 8.36
CA TYR B 113 -1.27 -5.65 9.02
C TYR B 113 -0.44 -4.72 8.14
N GLU B 114 -0.54 -4.83 6.81
CA GLU B 114 0.23 -3.94 5.95
C GLU B 114 -0.12 -2.48 6.20
N ASN B 115 -1.34 -2.20 6.69
CA ASN B 115 -1.68 -0.81 7.00
C ASN B 115 -0.73 -0.21 8.03
N PHE B 116 -0.20 -1.04 8.93
CA PHE B 116 0.67 -0.52 9.98
C PHE B 116 1.94 0.10 9.39
N ASN B 117 2.37 -0.37 8.21
CA ASN B 117 3.62 0.11 7.64
C ASN B 117 3.56 1.55 7.16
N GLN B 118 2.37 2.16 7.15
CA GLN B 118 2.22 3.57 6.81
C GLN B 118 2.46 4.50 8.00
N HIS B 119 2.85 3.95 9.15
CA HIS B 119 3.05 4.74 10.37
C HIS B 119 4.34 4.29 11.04
N GLU B 120 5.20 5.24 11.41
CA GLU B 120 6.52 4.85 11.90
C GLU B 120 6.47 4.14 13.25
N VAL B 121 5.49 4.47 14.09
CA VAL B 121 5.34 3.86 15.41
C VAL B 121 3.86 3.83 15.77
N LEU B 122 3.42 2.70 16.33
CA LEU B 122 2.01 2.48 16.68
C LEU B 122 1.89 1.70 17.97
N LEU B 123 0.85 2.04 18.74
CA LEU B 123 0.34 1.21 19.83
C LEU B 123 -0.83 0.40 19.27
N ALA B 124 -0.82 -0.93 19.45
CA ALA B 124 -1.80 -1.73 18.72
C ALA B 124 -2.21 -2.96 19.51
N PRO B 125 -3.40 -3.49 19.23
CA PRO B 125 -3.79 -4.84 19.62
C PRO B 125 -3.40 -5.82 18.51
N LEU B 126 -3.45 -7.12 18.84
CA LEU B 126 -3.30 -8.15 17.82
C LEU B 126 -4.56 -8.21 16.96
N LEU B 127 -4.39 -8.01 15.66
CA LEU B 127 -5.53 -7.98 14.76
C LEU B 127 -6.16 -9.37 14.65
N SER B 128 -7.48 -9.35 14.51
CA SER B 128 -8.32 -10.53 14.35
C SER B 128 -8.34 -11.44 15.58
N ALA B 129 -7.72 -11.03 16.68
CA ALA B 129 -7.75 -11.82 17.90
C ALA B 129 -9.04 -11.58 18.66
N GLY B 130 -9.19 -12.30 19.76
CA GLY B 130 -10.29 -12.04 20.67
C GLY B 130 -11.61 -12.33 20.03
N ILE B 131 -12.51 -11.34 20.09
CA ILE B 131 -13.85 -11.50 19.56
C ILE B 131 -13.88 -11.70 18.06
N PHE B 132 -12.76 -11.43 17.37
CA PHE B 132 -12.67 -11.70 15.93
C PHE B 132 -12.32 -13.16 15.61
N GLY B 133 -11.88 -13.95 16.61
CA GLY B 133 -11.85 -15.39 16.48
C GLY B 133 -10.60 -16.04 15.89
N ALA B 134 -9.60 -15.27 15.48
CA ALA B 134 -8.39 -15.88 14.97
C ALA B 134 -7.50 -16.35 16.11
N ASP B 135 -6.60 -17.27 15.79
CA ASP B 135 -5.60 -17.73 16.75
C ASP B 135 -4.63 -16.58 17.03
N PRO B 136 -4.54 -16.09 18.27
CA PRO B 136 -3.63 -14.97 18.54
C PRO B 136 -2.18 -15.30 18.25
N ILE B 137 -1.78 -16.57 18.39
CA ILE B 137 -0.42 -16.97 18.01
C ILE B 137 -0.19 -16.72 16.53
N HIS B 138 -1.18 -17.05 15.70
CA HIS B 138 -1.06 -16.78 14.28
C HIS B 138 -1.06 -15.28 13.99
N SER B 139 -1.89 -14.51 14.70
CA SER B 139 -1.90 -13.08 14.48
C SER B 139 -0.53 -12.47 14.78
N LEU B 140 0.11 -12.92 15.87
CA LEU B 140 1.45 -12.43 16.19
C LEU B 140 2.44 -12.81 15.08
N ARG B 141 2.33 -14.05 14.57
CA ARG B 141 3.18 -14.49 13.47
C ARG B 141 3.04 -13.57 12.27
N VAL B 142 1.80 -13.30 11.85
CA VAL B 142 1.60 -12.45 10.69
C VAL B 142 2.11 -11.04 10.98
N CYS B 143 1.89 -10.54 12.19
CA CYS B 143 2.41 -9.22 12.56
C CYS B 143 3.92 -9.16 12.36
N VAL B 144 4.64 -10.11 12.95
CA VAL B 144 6.09 -10.09 12.86
C VAL B 144 6.57 -10.23 11.42
N ASP B 145 5.86 -11.01 10.61
CA ASP B 145 6.27 -11.28 9.24
C ASP B 145 5.81 -10.21 8.26
N THR B 146 5.02 -9.23 8.70
CA THR B 146 4.45 -8.22 7.82
C THR B 146 4.82 -6.79 8.18
N VAL B 147 4.76 -6.47 9.48
CA VAL B 147 5.01 -5.10 9.91
C VAL B 147 6.50 -4.88 10.00
N ARG B 148 6.97 -3.77 9.43
CA ARG B 148 8.36 -3.37 9.48
C ARG B 148 8.58 -2.10 10.28
N THR B 149 7.53 -1.32 10.53
CA THR B 149 7.60 -0.16 11.39
C THR B 149 7.49 -0.62 12.85
N ASN B 150 7.62 0.32 13.79
CA ASN B 150 7.74 -0.03 15.20
C ASN B 150 6.36 -0.21 15.80
N VAL B 151 6.02 -1.43 16.19
CA VAL B 151 4.70 -1.75 16.72
C VAL B 151 4.83 -2.25 18.14
N TYR B 152 4.06 -1.62 19.03
CA TYR B 152 4.00 -1.91 20.46
C TYR B 152 2.65 -2.54 20.72
N LEU B 153 2.66 -3.86 20.98
CA LEU B 153 1.45 -4.64 21.14
C LEU B 153 1.04 -4.70 22.60
N ALA B 154 -0.23 -4.42 22.88
CA ALA B 154 -0.80 -4.52 24.21
C ALA B 154 -1.70 -5.74 24.28
N VAL B 155 -1.42 -6.62 25.22
CA VAL B 155 -2.20 -7.83 25.43
C VAL B 155 -2.76 -7.78 26.85
N PHE B 156 -4.09 -7.77 26.97
CA PHE B 156 -4.74 -7.52 28.26
C PHE B 156 -4.56 -8.69 29.24
N ASP B 157 -4.79 -9.91 28.79
CA ASP B 157 -4.80 -11.07 29.68
C ASP B 157 -3.38 -11.57 29.87
N LYS B 158 -2.89 -11.56 31.12
CA LYS B 158 -1.55 -12.06 31.43
C LYS B 158 -1.36 -13.49 30.92
N ASN B 159 -2.39 -14.33 31.01
CA ASN B 159 -2.24 -15.72 30.59
C ASN B 159 -2.08 -15.84 29.08
N LEU B 160 -2.75 -14.98 28.30
CA LEU B 160 -2.53 -14.98 26.86
C LEU B 160 -1.18 -14.40 26.53
N TYR B 161 -0.80 -13.32 27.22
CA TYR B 161 0.54 -12.75 27.05
C TYR B 161 1.61 -13.84 27.23
N ASP B 162 1.50 -14.62 28.31
CA ASP B 162 2.49 -15.65 28.57
C ASP B 162 2.50 -16.71 27.47
N LYS B 163 1.32 -17.08 26.97
N LYS B 163 1.32 -17.09 26.97
CA LYS B 163 1.27 -18.06 25.89
CA LYS B 163 1.27 -18.06 25.89
C LYS B 163 1.92 -17.53 24.61
C LYS B 163 1.93 -17.52 24.63
N LEU B 164 1.69 -16.24 24.33
CA LEU B 164 2.27 -15.63 23.13
C LEU B 164 3.78 -15.52 23.24
N VAL B 165 4.29 -15.05 24.38
CA VAL B 165 5.72 -14.87 24.55
C VAL B 165 6.43 -16.22 24.62
N SER B 166 5.88 -17.13 25.42
CA SER B 166 6.57 -18.40 25.65
C SER B 166 6.62 -19.25 24.39
N SER B 167 5.68 -19.10 23.47
CA SER B 167 5.65 -19.90 22.26
C SER B 167 6.26 -19.20 21.04
N PHE B 168 6.65 -17.93 21.16
CA PHE B 168 7.18 -17.22 20.00
C PHE B 168 8.54 -17.77 19.57
N LEU B 169 9.34 -18.21 20.55
CA LEU B 169 10.68 -18.71 20.28
C LEU B 169 11.08 -19.79 21.28
N2 A1A49 C . 5.95 2.72 -17.93
C3 A1A49 C . 9.80 3.98 -16.34
C6 A1A49 C . 11.36 4.81 -19.76
C9 A1A49 C . 11.84 3.13 -17.56
C12 A1A49 C . 4.58 4.50 -19.42
C14 A1A49 C . 5.91 6.35 -19.07
C1 A1A49 C . 7.75 3.20 -15.13
C10 A1A49 C . 6.44 3.98 -17.99
C11 A1A49 C . 4.83 2.42 -18.60
C13 A1A49 C . 5.76 4.95 -18.76
C15 A1A49 C . 4.87 6.69 -19.90
C2 A1A49 C . 8.39 3.40 -16.52
C4 A1A49 C . 10.72 3.98 -17.56
C5 A1A49 C . 10.49 4.84 -18.66
C7 A1A49 C . 12.48 3.95 -19.76
C8 A1A49 C . 12.72 3.12 -18.66
N1 A1A49 C . 7.60 4.35 -17.30
N3 A1A49 C . 4.10 3.23 -19.36
N4 A1A49 C . 4.07 5.57 -20.11
O1 A1A49 C . 8.54 2.31 -14.37
H5 A1A49 C . 9.72 4.98 -15.95
H6 A1A49 C . 10.31 3.42 -15.57
H8 A1A49 C . 11.17 5.45 -20.61
H11 A1A49 C . 12.04 2.48 -16.71
H14 A1A49 C . 6.71 6.98 -18.72
H3 A1A49 C . 7.60 4.14 -14.60
H4 A1A49 C . 6.77 2.72 -15.23
H13 A1A49 C . 4.48 1.39 -18.55
H15 A1A49 C . 4.64 7.64 -20.36
H1 A1A49 C . 8.49 2.45 -17.04
H7 A1A49 C . 9.62 5.49 -18.67
H9 A1A49 C . 13.15 3.94 -20.61
H10 A1A49 C . 13.58 2.46 -18.66
H12 A1A49 C . 7.90 5.30 -17.35
H16 A1A49 C . 3.24 5.58 -20.68
H2 A1A49 C . 8.23 2.32 -13.47
O1 A1A5A D . 8.61 2.29 -14.38
C1 A1A5A D . 7.73 2.98 -15.23
C2 A1A5A D . 8.49 3.61 -16.41
C3 A1A5A D . 9.26 2.59 -17.28
C4 A1A5A D . 10.43 3.18 -18.05
C5 A1A5A D . 10.22 4.16 -19.03
C6 A1A5A D . 11.30 4.71 -19.74
C7 A1A5A D . 12.62 4.28 -19.46
C8 A1A5A D . 12.84 3.30 -18.48
C10 A1A5A D . 6.48 4.05 -17.92
C11 A1A5A D . 4.93 2.42 -18.54
C12 A1A5A D . 4.60 4.46 -19.38
C13 A1A5A D . 5.74 4.98 -18.72
C14 A1A5A D . 5.85 6.37 -19.05
C15 A1A5A D . 4.80 6.66 -19.89
C9 A1A5A D . 11.75 2.75 -17.77
N1 A1A5A D . 7.62 4.47 -17.23
N2 A1A5A D . 6.03 2.78 -17.86
N3 A1A5A D . 4.15 3.18 -19.32
N4 A1A5A D . 4.04 5.50 -20.08
H2 A1A5A D . 8.12 1.94 -13.65
H4 A1A5A D . 7.24 3.77 -14.65
H3 A1A5A D . 6.95 2.30 -15.56
H1 A1A5A D . 9.25 4.26 -15.99
H5 A1A5A D . 9.63 1.77 -16.65
H6 A1A5A D . 8.58 2.12 -18.00
H7 A1A5A D . 9.22 4.51 -19.25
H8 A1A5A D . 11.14 5.47 -20.49
H9 A1A5A D . 13.45 4.70 -20.01
H10 A1A5A D . 13.84 2.96 -18.26
H13 A1A5A D . 4.63 1.39 -18.46
H14 A1A5A D . 6.62 7.06 -18.72
H15 A1A5A D . 4.52 7.59 -20.36
H11 A1A5A D . 11.93 1.99 -17.02
H12 A1A5A D . 7.88 5.44 -17.30
H16 A1A5A D . 3.21 5.48 -20.66
CL CL E . 9.17 7.32 -16.17
#